data_1Y5E
#
_entry.id   1Y5E
#
_cell.length_a   122.952
_cell.length_b   122.952
_cell.length_c   74.536
_cell.angle_alpha   90.00
_cell.angle_beta   90.00
_cell.angle_gamma   120.00
#
_symmetry.space_group_name_H-M   'P 31 2 1'
#
loop_
_entity.id
_entity.type
_entity.pdbx_description
1 polymer 'Molybdenum cofactor biosynthesis protein B'
2 non-polymer (4S)-2-METHYL-2,4-PENTANEDIOL
3 non-polymer IMIDAZOLE
4 water water
#
_entity_poly.entity_id   1
_entity_poly.type   'polypeptide(L)'
_entity_poly.pdbx_seq_one_letter_code
;MSVTEHKKQAPKEVRCKIVTISDTRTEETDKSGQLLHELLKEAGHKVTSYEIVKDDKESIQQAVLAGYHKEDVDVVLTNG
GTGITKRDVTIEAVSALLDKEIVGFGELFR(MSE)ISYLEDIGSSA(MSE)LSRAIGGTIGRKVVFS(MSE)PGSSGAVR
LA(MSE)NKLILPELGHITFELHRQ
;
_entity_poly.pdbx_strand_id   A,B,C
#
loop_
_chem_comp.id
_chem_comp.type
_chem_comp.name
_chem_comp.formula
IMD non-polymer IMIDAZOLE 'C3 H5 N2 1'
MPD non-polymer (4S)-2-METHYL-2,4-PENTANEDIOL 'C6 H14 O2'
#
# COMPACT_ATOMS: atom_id res chain seq x y z
N LYS A 12 -10.18 -23.04 19.76
CA LYS A 12 -10.78 -21.96 18.98
C LYS A 12 -11.13 -22.41 17.57
N GLU A 13 -12.39 -22.82 17.38
CA GLU A 13 -12.85 -23.29 16.08
C GLU A 13 -13.61 -22.20 15.34
N VAL A 14 -12.90 -21.44 14.51
CA VAL A 14 -13.51 -20.36 13.74
C VAL A 14 -14.44 -20.90 12.65
N ARG A 15 -15.63 -20.31 12.58
CA ARG A 15 -16.64 -20.70 11.61
C ARG A 15 -16.60 -19.76 10.41
N CYS A 16 -16.44 -20.33 9.22
CA CYS A 16 -16.34 -19.53 8.01
C CYS A 16 -17.34 -19.83 6.92
N LYS A 17 -17.63 -18.79 6.14
CA LYS A 17 -18.51 -18.93 4.98
C LYS A 17 -17.55 -18.83 3.80
N ILE A 18 -17.73 -19.69 2.82
CA ILE A 18 -16.89 -19.67 1.62
C ILE A 18 -17.72 -19.19 0.45
N VAL A 19 -17.23 -18.16 -0.22
CA VAL A 19 -17.91 -17.61 -1.39
C VAL A 19 -17.00 -17.73 -2.60
N THR A 20 -17.44 -18.45 -3.61
CA THR A 20 -16.67 -18.57 -4.83
C THR A 20 -17.40 -17.67 -5.82
N ILE A 21 -16.69 -16.65 -6.29
CA ILE A 21 -17.23 -15.68 -7.23
C ILE A 21 -16.90 -16.13 -8.65
N SER A 22 -17.92 -16.56 -9.39
CA SER A 22 -17.71 -17.04 -10.74
C SER A 22 -19.00 -17.25 -11.53
N ASP A 23 -18.96 -16.98 -12.82
CA ASP A 23 -20.12 -17.19 -13.67
C ASP A 23 -20.05 -18.58 -14.31
N THR A 24 -18.89 -19.23 -14.18
CA THR A 24 -18.68 -20.53 -14.80
C THR A 24 -18.49 -21.75 -13.89
N ARG A 25 -17.96 -21.55 -12.68
CA ARG A 25 -17.74 -22.68 -11.78
C ARG A 25 -19.03 -23.32 -11.28
N THR A 26 -18.95 -24.61 -10.99
CA THR A 26 -20.07 -25.38 -10.44
C THR A 26 -19.45 -26.17 -9.29
N GLU A 27 -20.28 -26.84 -8.50
CA GLU A 27 -19.78 -27.64 -7.38
C GLU A 27 -18.74 -28.65 -7.83
N GLU A 28 -18.95 -29.21 -9.03
CA GLU A 28 -18.03 -30.21 -9.56
C GLU A 28 -16.69 -29.65 -10.02
N THR A 29 -16.64 -28.36 -10.36
CA THR A 29 -15.40 -27.76 -10.84
C THR A 29 -14.77 -26.69 -9.96
N ASP A 30 -15.38 -26.40 -8.82
CA ASP A 30 -14.86 -25.35 -7.93
C ASP A 30 -13.65 -25.81 -7.09
N LYS A 31 -12.48 -25.78 -7.70
CA LYS A 31 -11.24 -26.20 -7.02
C LYS A 31 -10.90 -25.33 -5.82
N SER A 32 -10.95 -24.01 -6.01
CA SER A 32 -10.59 -23.08 -4.95
C SER A 32 -11.52 -23.16 -3.75
N GLY A 33 -12.82 -23.29 -3.99
CA GLY A 33 -13.75 -23.40 -2.89
C GLY A 33 -13.47 -24.67 -2.11
N GLN A 34 -13.17 -25.74 -2.84
CA GLN A 34 -12.86 -27.01 -2.20
C GLN A 34 -11.57 -26.92 -1.39
N LEU A 35 -10.58 -26.23 -1.96
CA LEU A 35 -9.30 -26.06 -1.26
C LEU A 35 -9.50 -25.30 0.04
N LEU A 36 -10.32 -24.24 0.01
CA LEU A 36 -10.57 -23.47 1.21
C LEU A 36 -11.17 -24.39 2.28
N HIS A 37 -12.09 -25.26 1.87
CA HIS A 37 -12.70 -26.22 2.79
C HIS A 37 -11.62 -27.07 3.46
N GLU A 38 -10.78 -27.69 2.64
CA GLU A 38 -9.71 -28.56 3.12
C GLU A 38 -8.73 -27.87 4.05
N LEU A 39 -8.29 -26.67 3.66
CA LEU A 39 -7.33 -25.91 4.47
C LEU A 39 -7.92 -25.58 5.85
N LEU A 40 -9.16 -25.12 5.88
CA LEU A 40 -9.81 -24.79 7.15
C LEU A 40 -9.97 -26.04 8.01
N LYS A 41 -10.52 -27.09 7.43
CA LYS A 41 -10.72 -28.35 8.15
C LYS A 41 -9.42 -28.83 8.80
N GLU A 42 -8.36 -28.90 8.00
CA GLU A 42 -7.06 -29.34 8.49
C GLU A 42 -6.51 -28.45 9.60
N ALA A 43 -6.89 -27.17 9.58
CA ALA A 43 -6.42 -26.22 10.58
C ALA A 43 -7.27 -26.25 11.85
N GLY A 44 -8.34 -27.03 11.85
CA GLY A 44 -9.19 -27.11 13.02
C GLY A 44 -10.37 -26.16 13.02
N HIS A 45 -10.66 -25.57 11.87
CA HIS A 45 -11.77 -24.65 11.75
C HIS A 45 -12.94 -25.30 11.04
N LYS A 46 -14.04 -24.57 10.89
CA LYS A 46 -15.23 -25.13 10.25
C LYS A 46 -15.86 -24.23 9.19
N VAL A 47 -16.53 -24.87 8.24
CA VAL A 47 -17.23 -24.17 7.16
C VAL A 47 -18.72 -24.34 7.46
N THR A 48 -19.41 -23.23 7.72
CA THR A 48 -20.83 -23.27 8.04
C THR A 48 -21.73 -22.76 6.93
N SER A 49 -21.12 -22.30 5.84
CA SER A 49 -21.89 -21.77 4.73
C SER A 49 -21.00 -21.76 3.49
N TYR A 50 -21.60 -22.07 2.35
CA TYR A 50 -20.85 -22.10 1.10
C TYR A 50 -21.76 -21.84 -0.08
N GLU A 51 -21.29 -21.05 -1.03
CA GLU A 51 -22.07 -20.80 -2.22
C GLU A 51 -21.22 -20.24 -3.34
N ILE A 52 -21.66 -20.50 -4.56
CA ILE A 52 -21.00 -20.01 -5.75
C ILE A 52 -21.96 -18.91 -6.20
N VAL A 53 -21.48 -17.68 -6.26
CA VAL A 53 -22.34 -16.58 -6.67
C VAL A 53 -21.88 -15.98 -7.99
N LYS A 54 -22.83 -15.49 -8.77
CA LYS A 54 -22.51 -14.87 -10.05
C LYS A 54 -21.54 -13.73 -9.85
N ASP A 55 -20.79 -13.44 -10.90
CA ASP A 55 -19.79 -12.39 -10.86
C ASP A 55 -20.27 -10.98 -11.21
N ASP A 56 -20.86 -10.31 -10.24
CA ASP A 56 -21.31 -8.92 -10.40
C ASP A 56 -21.30 -8.31 -9.00
N LYS A 57 -21.12 -7.00 -8.93
CA LYS A 57 -21.04 -6.31 -7.64
C LYS A 57 -22.15 -6.62 -6.63
N GLU A 58 -23.40 -6.55 -7.08
CA GLU A 58 -24.54 -6.79 -6.19
C GLU A 58 -24.63 -8.21 -5.64
N SER A 59 -24.29 -9.21 -6.46
CA SER A 59 -24.35 -10.60 -6.00
C SER A 59 -23.24 -10.83 -4.98
N ILE A 60 -22.09 -10.19 -5.21
CA ILE A 60 -20.96 -10.31 -4.30
C ILE A 60 -21.27 -9.69 -2.95
N GLN A 61 -21.80 -8.47 -2.97
CA GLN A 61 -22.13 -7.78 -1.73
C GLN A 61 -23.20 -8.53 -0.94
N GLN A 62 -24.22 -9.02 -1.62
CA GLN A 62 -25.29 -9.75 -0.96
C GLN A 62 -24.77 -11.02 -0.29
N ALA A 63 -23.83 -11.70 -0.96
CA ALA A 63 -23.25 -12.93 -0.44
C ALA A 63 -22.42 -12.66 0.81
N VAL A 64 -21.71 -11.53 0.83
CA VAL A 64 -20.89 -11.17 1.98
C VAL A 64 -21.79 -10.80 3.16
N LEU A 65 -22.82 -9.99 2.90
CA LEU A 65 -23.74 -9.59 3.96
C LEU A 65 -24.56 -10.77 4.47
N ALA A 66 -24.85 -11.73 3.58
CA ALA A 66 -25.61 -12.90 4.01
C ALA A 66 -24.78 -13.66 5.05
N GLY A 67 -23.47 -13.71 4.83
CA GLY A 67 -22.58 -14.38 5.77
C GLY A 67 -22.51 -13.60 7.07
N TYR A 68 -22.45 -12.27 6.95
CA TYR A 68 -22.38 -11.42 8.13
C TYR A 68 -23.59 -11.65 9.04
N HIS A 69 -24.77 -11.76 8.43
CA HIS A 69 -26.01 -11.95 9.18
C HIS A 69 -26.27 -13.37 9.67
N LYS A 70 -25.37 -14.31 9.36
CA LYS A 70 -25.56 -15.67 9.81
C LYS A 70 -24.90 -15.83 11.18
N GLU A 71 -25.70 -16.19 12.17
CA GLU A 71 -25.20 -16.34 13.54
C GLU A 71 -24.01 -17.28 13.71
N ASP A 72 -23.89 -18.30 12.86
CA ASP A 72 -22.77 -19.23 12.98
C ASP A 72 -21.65 -19.01 11.97
N VAL A 73 -21.45 -17.75 11.57
CA VAL A 73 -20.38 -17.37 10.65
C VAL A 73 -19.56 -16.27 11.33
N ASP A 74 -18.28 -16.52 11.52
CA ASP A 74 -17.40 -15.54 12.15
C ASP A 74 -16.59 -14.80 11.10
N VAL A 75 -16.27 -15.50 10.01
CA VAL A 75 -15.45 -14.96 8.93
C VAL A 75 -16.00 -15.30 7.54
N VAL A 76 -15.88 -14.36 6.61
CA VAL A 76 -16.31 -14.58 5.24
C VAL A 76 -15.08 -14.58 4.34
N LEU A 77 -14.91 -15.66 3.59
CA LEU A 77 -13.78 -15.80 2.69
C LEU A 77 -14.30 -15.90 1.25
N THR A 78 -13.84 -15.01 0.38
CA THR A 78 -14.26 -15.05 -1.02
C THR A 78 -13.05 -15.26 -1.92
N ASN A 79 -13.26 -15.93 -3.04
CA ASN A 79 -12.19 -16.16 -4.01
C ASN A 79 -12.78 -15.95 -5.39
N GLY A 80 -12.03 -15.26 -6.26
CA GLY A 80 -12.49 -15.02 -7.61
C GLY A 80 -13.01 -13.62 -7.87
N GLY A 81 -13.24 -13.31 -9.15
CA GLY A 81 -13.76 -12.02 -9.54
C GLY A 81 -12.77 -10.87 -9.57
N THR A 82 -11.52 -11.13 -9.21
CA THR A 82 -10.50 -10.08 -9.19
C THR A 82 -9.77 -9.94 -10.52
N GLY A 83 -9.18 -8.76 -10.74
CA GLY A 83 -8.47 -8.53 -11.98
C GLY A 83 -8.32 -7.04 -12.25
N ILE A 84 -7.60 -6.71 -13.32
CA ILE A 84 -7.37 -5.31 -13.66
C ILE A 84 -8.34 -4.77 -14.71
N THR A 85 -9.22 -5.62 -15.23
CA THR A 85 -10.16 -5.16 -16.26
C THR A 85 -11.41 -4.54 -15.64
N LYS A 86 -12.19 -3.88 -16.50
CA LYS A 86 -13.42 -3.23 -16.08
C LYS A 86 -14.45 -4.18 -15.49
N ARG A 87 -14.48 -5.41 -15.96
CA ARG A 87 -15.46 -6.38 -15.47
C ARG A 87 -15.05 -7.15 -14.21
N ASP A 88 -13.93 -6.77 -13.61
CA ASP A 88 -13.48 -7.40 -12.38
C ASP A 88 -13.82 -6.38 -11.30
N VAL A 89 -14.81 -6.71 -10.46
CA VAL A 89 -15.25 -5.76 -9.44
C VAL A 89 -15.23 -6.23 -8.00
N THR A 90 -14.64 -7.39 -7.73
CA THR A 90 -14.62 -7.90 -6.37
C THR A 90 -14.06 -6.93 -5.32
N ILE A 91 -12.86 -6.42 -5.54
CA ILE A 91 -12.26 -5.52 -4.57
C ILE A 91 -13.11 -4.27 -4.31
N GLU A 92 -13.64 -3.66 -5.35
CA GLU A 92 -14.48 -2.48 -5.17
C GLU A 92 -15.81 -2.81 -4.49
N ALA A 93 -16.38 -3.96 -4.84
CA ALA A 93 -17.65 -4.39 -4.25
C ALA A 93 -17.52 -4.64 -2.75
N VAL A 94 -16.45 -5.35 -2.37
CA VAL A 94 -16.21 -5.66 -0.97
C VAL A 94 -15.71 -4.45 -0.19
N SER A 95 -14.86 -3.65 -0.82
CA SER A 95 -14.32 -2.47 -0.17
C SER A 95 -15.42 -1.54 0.36
N ALA A 96 -16.49 -1.41 -0.41
CA ALA A 96 -17.60 -0.53 -0.04
C ALA A 96 -18.33 -0.95 1.23
N LEU A 97 -18.20 -2.23 1.61
CA LEU A 97 -18.86 -2.76 2.80
C LEU A 97 -18.03 -2.74 4.07
N LEU A 98 -16.72 -2.63 3.94
CA LEU A 98 -15.84 -2.67 5.10
C LEU A 98 -15.88 -1.45 6.02
N ASP A 99 -15.86 -1.72 7.32
CA ASP A 99 -15.84 -0.66 8.32
C ASP A 99 -14.40 -0.18 8.38
N LYS A 100 -13.48 -1.13 8.53
CA LYS A 100 -12.06 -0.82 8.59
C LYS A 100 -11.28 -1.80 7.73
N GLU A 101 -10.51 -1.27 6.80
CA GLU A 101 -9.72 -2.11 5.92
C GLU A 101 -8.43 -2.54 6.63
N ILE A 102 -8.12 -3.82 6.56
CA ILE A 102 -6.89 -4.33 7.15
C ILE A 102 -5.93 -4.30 5.98
N VAL A 103 -5.38 -3.12 5.70
CA VAL A 103 -4.49 -2.90 4.57
C VAL A 103 -3.32 -3.87 4.45
N GLY A 104 -2.81 -4.34 5.57
CA GLY A 104 -1.69 -5.28 5.53
C GLY A 104 -1.96 -6.57 4.76
N PHE A 105 -3.22 -6.96 4.63
CA PHE A 105 -3.54 -8.19 3.93
C PHE A 105 -3.20 -8.10 2.44
N GLY A 106 -3.77 -7.12 1.76
CA GLY A 106 -3.50 -6.96 0.34
C GLY A 106 -2.02 -6.76 0.10
N GLU A 107 -1.41 -5.89 0.91
CA GLU A 107 0.01 -5.57 0.81
C GLU A 107 0.92 -6.78 0.95
N LEU A 108 0.81 -7.49 2.06
CA LEU A 108 1.66 -8.65 2.31
C LEU A 108 1.37 -9.78 1.33
N PHE A 109 0.11 -9.89 0.91
CA PHE A 109 -0.26 -10.93 -0.04
C PHE A 109 0.54 -10.74 -1.34
N ARG A 110 0.64 -9.50 -1.80
CA ARG A 110 1.39 -9.19 -3.03
C ARG A 110 2.90 -9.34 -2.83
N MSE A 111 3.40 -8.90 -1.68
CA MSE A 111 4.83 -8.99 -1.38
C MSE A 111 5.30 -10.44 -1.33
O MSE A 111 6.31 -10.80 -1.94
CB MSE A 111 5.12 -8.30 -0.03
CG MSE A 111 6.60 -8.24 0.38
SE MSE A 111 7.19 -9.66 1.55
CE MSE A 111 6.51 -9.00 3.23
N ILE A 112 4.56 -11.27 -0.61
CA ILE A 112 4.89 -12.68 -0.49
C ILE A 112 4.74 -13.40 -1.83
N SER A 113 3.69 -13.06 -2.58
CA SER A 113 3.48 -13.68 -3.88
C SER A 113 4.64 -13.33 -4.80
N TYR A 114 5.10 -12.08 -4.72
CA TYR A 114 6.22 -11.65 -5.55
C TYR A 114 7.49 -12.40 -5.19
N LEU A 115 7.82 -12.44 -3.91
CA LEU A 115 9.05 -13.08 -3.44
C LEU A 115 9.10 -14.61 -3.50
N GLU A 116 7.99 -15.25 -3.14
CA GLU A 116 7.94 -16.70 -3.08
C GLU A 116 7.15 -17.43 -4.15
N ASP A 117 6.44 -16.71 -4.99
CA ASP A 117 5.63 -17.42 -5.98
C ASP A 117 5.61 -16.90 -7.42
N ILE A 118 4.65 -16.03 -7.74
CA ILE A 118 4.50 -15.53 -9.10
C ILE A 118 5.34 -14.34 -9.56
N GLY A 119 6.24 -13.86 -8.71
CA GLY A 119 7.07 -12.73 -9.11
C GLY A 119 6.32 -11.49 -9.52
N SER A 120 6.81 -10.83 -10.57
CA SER A 120 6.21 -9.60 -11.08
C SER A 120 4.71 -9.66 -11.36
N SER A 121 4.18 -10.86 -11.62
CA SER A 121 2.75 -11.00 -11.87
C SER A 121 1.96 -10.51 -10.66
N ALA A 122 2.56 -10.56 -9.48
CA ALA A 122 1.90 -10.14 -8.24
C ALA A 122 1.56 -8.66 -8.27
N MSE A 123 2.21 -7.91 -9.13
CA MSE A 123 1.95 -6.48 -9.24
C MSE A 123 0.50 -6.25 -9.67
O MSE A 123 -0.10 -5.23 -9.34
CB MSE A 123 2.88 -5.85 -10.26
CG MSE A 123 2.82 -4.34 -10.29
SE MSE A 123 3.31 -3.67 -12.01
CE MSE A 123 1.54 -3.70 -12.76
N LEU A 124 -0.03 -7.21 -10.41
CA LEU A 124 -1.40 -7.12 -10.92
C LEU A 124 -2.42 -7.79 -10.00
N SER A 125 -1.93 -8.53 -8.99
CA SER A 125 -2.82 -9.23 -8.08
C SER A 125 -3.63 -8.29 -7.20
N ARG A 126 -4.89 -8.65 -6.99
CA ARG A 126 -5.79 -7.85 -6.17
C ARG A 126 -6.38 -8.69 -5.03
N ALA A 127 -6.38 -8.11 -3.84
CA ALA A 127 -6.90 -8.79 -2.65
C ALA A 127 -7.21 -7.74 -1.62
N ILE A 128 -8.18 -8.01 -0.75
CA ILE A 128 -8.52 -7.05 0.29
C ILE A 128 -9.16 -7.75 1.49
N GLY A 129 -8.90 -7.19 2.68
CA GLY A 129 -9.45 -7.76 3.89
C GLY A 129 -9.88 -6.62 4.82
N GLY A 130 -10.85 -6.90 5.66
CA GLY A 130 -11.31 -5.86 6.57
C GLY A 130 -12.41 -6.34 7.47
N THR A 131 -12.83 -5.46 8.36
CA THR A 131 -13.87 -5.79 9.31
C THR A 131 -15.25 -5.25 8.92
N ILE A 132 -16.26 -5.90 9.47
CA ILE A 132 -17.66 -5.51 9.32
C ILE A 132 -18.20 -5.88 10.70
N GLY A 133 -18.42 -4.87 11.54
CA GLY A 133 -18.89 -5.15 12.87
C GLY A 133 -17.83 -5.98 13.57
N ARG A 134 -18.25 -7.03 14.26
CA ARG A 134 -17.32 -7.90 14.97
C ARG A 134 -16.90 -9.08 14.11
N LYS A 135 -17.06 -8.96 12.79
CA LYS A 135 -16.67 -10.05 11.89
C LYS A 135 -15.61 -9.55 10.90
N VAL A 136 -15.00 -10.49 10.19
CA VAL A 136 -13.95 -10.13 9.24
C VAL A 136 -14.18 -10.77 7.88
N VAL A 137 -13.73 -10.08 6.82
CA VAL A 137 -13.87 -10.57 5.46
C VAL A 137 -12.52 -10.56 4.75
N PHE A 138 -12.24 -11.61 4.01
CA PHE A 138 -11.00 -11.73 3.24
C PHE A 138 -11.36 -12.11 1.82
N SER A 139 -10.97 -11.29 0.85
CA SER A 139 -11.25 -11.55 -0.55
C SER A 139 -9.93 -11.74 -1.29
N MSE A 140 -9.79 -12.88 -1.96
CA MSE A 140 -8.57 -13.20 -2.68
C MSE A 140 -8.82 -13.61 -4.12
O MSE A 140 -9.96 -13.83 -4.53
CB MSE A 140 -7.82 -14.30 -1.90
CG MSE A 140 -8.64 -15.58 -1.69
SE MSE A 140 -8.11 -16.60 -0.10
CE MSE A 140 -9.41 -15.84 1.15
N PRO A 141 -7.74 -13.70 -4.92
CA PRO A 141 -7.88 -14.11 -6.32
C PRO A 141 -8.47 -15.52 -6.43
N GLY A 142 -9.00 -15.85 -7.60
CA GLY A 142 -9.63 -17.14 -7.81
C GLY A 142 -8.78 -18.39 -8.02
N SER A 143 -7.50 -18.25 -8.33
CA SER A 143 -6.66 -19.43 -8.55
C SER A 143 -6.37 -20.11 -7.20
N SER A 144 -6.27 -21.43 -7.22
CA SER A 144 -6.01 -22.16 -5.99
C SER A 144 -4.66 -21.79 -5.40
N GLY A 145 -3.72 -21.39 -6.26
CA GLY A 145 -2.40 -21.00 -5.79
C GLY A 145 -2.48 -19.73 -4.96
N ALA A 146 -3.28 -18.77 -5.40
CA ALA A 146 -3.45 -17.51 -4.67
C ALA A 146 -4.15 -17.82 -3.35
N VAL A 147 -5.18 -18.67 -3.43
CA VAL A 147 -5.92 -19.06 -2.23
C VAL A 147 -5.00 -19.76 -1.23
N ARG A 148 -4.16 -20.66 -1.72
CA ARG A 148 -3.26 -21.40 -0.85
C ARG A 148 -2.25 -20.49 -0.15
N LEU A 149 -1.63 -19.59 -0.90
CA LEU A 149 -0.65 -18.69 -0.32
C LEU A 149 -1.30 -17.75 0.71
N ALA A 150 -2.43 -17.15 0.35
CA ALA A 150 -3.12 -16.25 1.25
C ALA A 150 -3.51 -16.93 2.57
N MSE A 151 -4.03 -18.15 2.46
CA MSE A 151 -4.46 -18.89 3.64
C MSE A 151 -3.31 -19.38 4.53
O MSE A 151 -3.32 -19.15 5.73
CB MSE A 151 -5.31 -20.09 3.22
CG MSE A 151 -6.66 -19.72 2.61
SE MSE A 151 -7.88 -18.93 3.90
CE MSE A 151 -8.44 -20.56 4.78
N ASN A 152 -2.31 -20.04 3.93
CA ASN A 152 -1.18 -20.57 4.69
C ASN A 152 -0.25 -19.52 5.29
N LYS A 153 0.02 -18.46 4.52
CA LYS A 153 0.94 -17.42 4.97
C LYS A 153 0.35 -16.30 5.82
N LEU A 154 -0.95 -16.03 5.65
CA LEU A 154 -1.55 -14.92 6.38
C LEU A 154 -2.84 -15.18 7.16
N ILE A 155 -3.86 -15.70 6.49
CA ILE A 155 -5.15 -15.92 7.16
C ILE A 155 -5.19 -16.96 8.26
N LEU A 156 -4.88 -18.21 7.93
CA LEU A 156 -4.93 -19.27 8.92
C LEU A 156 -4.19 -18.97 10.23
N PRO A 157 -2.94 -18.51 10.14
CA PRO A 157 -2.24 -18.22 11.40
C PRO A 157 -2.85 -17.11 12.24
N GLU A 158 -3.69 -16.27 11.63
CA GLU A 158 -4.29 -15.15 12.36
C GLU A 158 -5.79 -15.21 12.65
N LEU A 159 -6.50 -16.23 12.15
CA LEU A 159 -7.93 -16.32 12.37
C LEU A 159 -8.35 -16.24 13.84
N GLY A 160 -7.71 -17.05 14.67
CA GLY A 160 -8.02 -17.06 16.09
C GLY A 160 -7.75 -15.71 16.73
N HIS A 161 -6.60 -15.13 16.43
CA HIS A 161 -6.22 -13.83 16.99
C HIS A 161 -7.21 -12.73 16.61
N ILE A 162 -7.60 -12.69 15.34
CA ILE A 162 -8.53 -11.67 14.88
C ILE A 162 -9.91 -11.80 15.51
N THR A 163 -10.52 -12.97 15.37
CA THR A 163 -11.84 -13.18 15.94
C THR A 163 -11.84 -12.87 17.43
N PHE A 164 -10.75 -13.26 18.11
CA PHE A 164 -10.64 -13.00 19.55
C PHE A 164 -10.68 -11.51 19.83
N GLU A 165 -9.84 -10.75 19.11
CA GLU A 165 -9.77 -9.31 19.28
C GLU A 165 -11.09 -8.60 18.99
N LEU A 166 -11.81 -9.09 17.99
CA LEU A 166 -13.09 -8.49 17.60
C LEU A 166 -14.26 -8.83 18.54
N HIS A 167 -14.13 -9.89 19.32
CA HIS A 167 -15.19 -10.27 20.23
C HIS A 167 -14.92 -9.82 21.67
N ARG A 168 -13.90 -8.99 21.84
CA ARG A 168 -13.54 -8.48 23.16
C ARG A 168 -14.35 -7.22 23.50
N GLN B 9 2.55 -16.17 -31.05
CA GLN B 9 3.38 -16.64 -32.16
C GLN B 9 4.67 -15.85 -32.26
N ALA B 10 4.73 -14.72 -31.55
CA ALA B 10 5.90 -13.86 -31.55
C ALA B 10 5.78 -12.81 -30.45
N PRO B 11 6.93 -12.30 -29.95
CA PRO B 11 6.93 -11.28 -28.90
C PRO B 11 6.13 -10.05 -29.33
N LYS B 12 5.01 -9.82 -28.64
CA LYS B 12 4.16 -8.69 -28.96
C LYS B 12 4.92 -7.37 -28.88
N GLU B 13 4.70 -6.51 -29.86
CA GLU B 13 5.35 -5.20 -29.89
C GLU B 13 4.41 -4.18 -29.26
N VAL B 14 4.76 -3.67 -28.09
CA VAL B 14 3.93 -2.70 -27.42
C VAL B 14 4.40 -1.30 -27.81
N ARG B 15 3.44 -0.42 -28.08
CA ARG B 15 3.74 0.95 -28.48
C ARG B 15 3.55 1.87 -27.28
N CYS B 16 4.58 2.64 -26.96
CA CYS B 16 4.53 3.51 -25.79
C CYS B 16 4.84 4.98 -26.02
N LYS B 17 4.27 5.81 -25.16
CA LYS B 17 4.54 7.24 -25.16
C LYS B 17 5.41 7.48 -23.94
N ILE B 18 6.49 8.23 -24.10
CA ILE B 18 7.35 8.54 -22.99
C ILE B 18 7.10 10.00 -22.60
N VAL B 19 6.84 10.24 -21.33
CA VAL B 19 6.62 11.59 -20.84
C VAL B 19 7.62 11.87 -19.73
N THR B 20 8.44 12.89 -19.92
CA THR B 20 9.41 13.28 -18.89
C THR B 20 8.85 14.55 -18.27
N ILE B 21 8.60 14.49 -16.97
CA ILE B 21 8.04 15.62 -16.24
C ILE B 21 9.18 16.38 -15.58
N SER B 22 9.46 17.57 -16.10
CA SER B 22 10.54 18.39 -15.58
C SER B 22 10.47 19.82 -16.11
N ASP B 23 10.82 20.78 -15.26
CA ASP B 23 10.84 22.17 -15.68
C ASP B 23 12.23 22.52 -16.20
N THR B 24 13.19 21.61 -16.02
CA THR B 24 14.57 21.86 -16.43
C THR B 24 15.20 20.98 -17.50
N ARG B 25 14.75 19.74 -17.63
CA ARG B 25 15.32 18.84 -18.63
C ARG B 25 15.06 19.31 -20.05
N THR B 26 15.99 18.95 -20.94
CA THR B 26 15.86 19.25 -22.37
C THR B 26 16.18 17.95 -23.05
N GLU B 27 16.01 17.88 -24.36
CA GLU B 27 16.30 16.64 -25.08
C GLU B 27 17.74 16.21 -24.87
N GLU B 28 18.64 17.17 -24.74
CA GLU B 28 20.06 16.87 -24.55
C GLU B 28 20.41 16.35 -23.16
N THR B 29 19.58 16.66 -22.18
CA THR B 29 19.86 16.25 -20.81
C THR B 29 18.87 15.22 -20.23
N ASP B 30 17.87 14.83 -21.01
CA ASP B 30 16.87 13.88 -20.52
C ASP B 30 17.36 12.44 -20.48
N LYS B 31 18.18 12.15 -19.48
CA LYS B 31 18.78 10.84 -19.28
C LYS B 31 17.74 9.74 -19.05
N SER B 32 16.74 10.02 -18.22
CA SER B 32 15.71 9.03 -17.91
C SER B 32 14.80 8.72 -19.11
N GLY B 33 14.44 9.74 -19.88
CA GLY B 33 13.61 9.52 -21.04
C GLY B 33 14.37 8.70 -22.08
N GLN B 34 15.66 8.97 -22.20
CA GLN B 34 16.51 8.26 -23.14
C GLN B 34 16.63 6.80 -22.69
N LEU B 35 16.79 6.59 -21.38
CA LEU B 35 16.89 5.25 -20.86
C LEU B 35 15.62 4.47 -21.16
N LEU B 36 14.47 5.11 -20.98
CA LEU B 36 13.20 4.44 -21.25
C LEU B 36 13.13 3.95 -22.68
N HIS B 37 13.62 4.77 -23.61
CA HIS B 37 13.60 4.40 -25.02
C HIS B 37 14.52 3.21 -25.28
N GLU B 38 15.71 3.22 -24.69
CA GLU B 38 16.65 2.12 -24.90
C GLU B 38 16.11 0.81 -24.32
N LEU B 39 15.59 0.87 -23.09
CA LEU B 39 15.07 -0.34 -22.45
C LEU B 39 13.92 -0.92 -23.27
N LEU B 40 13.02 -0.06 -23.76
CA LEU B 40 11.90 -0.53 -24.55
C LEU B 40 12.37 -1.11 -25.89
N LYS B 41 13.26 -0.39 -26.57
CA LYS B 41 13.76 -0.87 -27.86
C LYS B 41 14.40 -2.26 -27.72
N GLU B 42 15.26 -2.41 -26.73
CA GLU B 42 15.94 -3.69 -26.51
C GLU B 42 14.96 -4.81 -26.19
N ALA B 43 13.86 -4.46 -25.52
CA ALA B 43 12.84 -5.44 -25.17
C ALA B 43 11.90 -5.78 -26.32
N GLY B 44 12.10 -5.11 -27.46
CA GLY B 44 11.28 -5.37 -28.63
C GLY B 44 10.04 -4.48 -28.75
N HIS B 45 9.98 -3.42 -27.95
CA HIS B 45 8.83 -2.53 -28.01
C HIS B 45 9.15 -1.29 -28.83
N LYS B 46 8.19 -0.39 -28.96
CA LYS B 46 8.39 0.80 -29.78
C LYS B 46 7.89 2.09 -29.12
N VAL B 47 8.62 3.18 -29.34
CA VAL B 47 8.23 4.48 -28.81
C VAL B 47 7.59 5.24 -29.96
N THR B 48 6.31 5.59 -29.81
CA THR B 48 5.60 6.30 -30.86
C THR B 48 5.32 7.75 -30.50
N SER B 49 5.66 8.13 -29.28
CA SER B 49 5.44 9.50 -28.84
C SER B 49 6.37 9.81 -27.67
N TYR B 50 6.89 11.03 -27.65
CA TYR B 50 7.80 11.46 -26.61
C TYR B 50 7.73 12.95 -26.43
N GLU B 51 7.69 13.40 -25.18
CA GLU B 51 7.67 14.83 -24.90
C GLU B 51 8.09 15.12 -23.47
N ILE B 52 8.70 16.28 -23.30
CA ILE B 52 9.14 16.74 -21.98
C ILE B 52 8.10 17.78 -21.65
N VAL B 53 7.37 17.58 -20.56
CA VAL B 53 6.34 18.53 -20.18
C VAL B 53 6.67 19.25 -18.90
N LYS B 54 6.15 20.47 -18.78
CA LYS B 54 6.38 21.26 -17.58
C LYS B 54 5.83 20.51 -16.38
N ASP B 55 6.41 20.80 -15.23
CA ASP B 55 6.03 20.14 -13.99
C ASP B 55 4.87 20.80 -13.24
N ASP B 56 3.66 20.55 -13.69
CA ASP B 56 2.44 21.06 -13.07
C ASP B 56 1.34 20.08 -13.41
N LYS B 57 0.35 19.95 -12.52
CA LYS B 57 -0.75 19.01 -12.70
C LYS B 57 -1.41 19.00 -14.08
N GLU B 58 -1.82 20.17 -14.55
CA GLU B 58 -2.50 20.27 -15.83
C GLU B 58 -1.65 19.82 -17.02
N SER B 59 -0.37 20.15 -17.02
CA SER B 59 0.51 19.76 -18.12
C SER B 59 0.67 18.25 -18.13
N ILE B 60 0.82 17.67 -16.94
CA ILE B 60 0.98 16.23 -16.80
C ILE B 60 -0.29 15.51 -17.26
N GLN B 61 -1.45 15.94 -16.78
CA GLN B 61 -2.70 15.29 -17.18
C GLN B 61 -2.90 15.40 -18.69
N GLN B 62 -2.63 16.57 -19.25
CA GLN B 62 -2.78 16.76 -20.69
C GLN B 62 -1.91 15.82 -21.50
N ALA B 63 -0.67 15.61 -21.04
CA ALA B 63 0.27 14.73 -21.73
C ALA B 63 -0.18 13.27 -21.67
N VAL B 64 -0.72 12.86 -20.53
CA VAL B 64 -1.20 11.50 -20.37
C VAL B 64 -2.43 11.27 -21.27
N LEU B 65 -3.37 12.22 -21.25
CA LEU B 65 -4.55 12.08 -22.09
C LEU B 65 -4.21 12.16 -23.57
N ALA B 66 -3.19 12.94 -23.92
CA ALA B 66 -2.77 13.05 -25.31
C ALA B 66 -2.28 11.68 -25.78
N GLY B 67 -1.54 10.99 -24.92
CA GLY B 67 -1.05 9.66 -25.26
C GLY B 67 -2.23 8.72 -25.40
N TYR B 68 -3.17 8.80 -24.47
CA TYR B 68 -4.35 7.94 -24.51
C TYR B 68 -5.12 8.07 -25.83
N HIS B 69 -5.26 9.30 -26.31
CA HIS B 69 -5.99 9.53 -27.56
C HIS B 69 -5.23 9.22 -28.83
N LYS B 70 -3.95 8.92 -28.71
CA LYS B 70 -3.14 8.60 -29.89
C LYS B 70 -3.38 7.15 -30.29
N GLU B 71 -3.84 6.95 -31.52
CA GLU B 71 -4.15 5.60 -32.02
C GLU B 71 -3.01 4.59 -31.92
N ASP B 72 -1.77 5.05 -32.09
CA ASP B 72 -0.63 4.15 -32.03
C ASP B 72 0.12 4.17 -30.69
N VAL B 73 -0.61 4.41 -29.62
CA VAL B 73 -0.04 4.41 -28.27
C VAL B 73 -0.86 3.42 -27.45
N ASP B 74 -0.20 2.44 -26.84
CA ASP B 74 -0.88 1.44 -26.02
C ASP B 74 -0.63 1.68 -24.54
N VAL B 75 0.50 2.29 -24.24
CA VAL B 75 0.91 2.53 -22.85
C VAL B 75 1.57 3.90 -22.72
N VAL B 76 1.35 4.55 -21.59
CA VAL B 76 1.96 5.84 -21.31
C VAL B 76 2.90 5.67 -20.12
N LEU B 77 4.16 6.01 -20.31
CA LEU B 77 5.16 5.90 -19.25
C LEU B 77 5.67 7.30 -18.91
N THR B 78 5.57 7.69 -17.65
CA THR B 78 6.05 9.01 -17.24
C THR B 78 7.12 8.85 -16.16
N ASN B 79 8.02 9.83 -16.09
CA ASN B 79 9.07 9.81 -15.10
C ASN B 79 9.29 11.24 -14.60
N GLY B 80 9.46 11.40 -13.30
CA GLY B 80 9.69 12.70 -12.72
C GLY B 80 8.47 13.33 -12.06
N GLY B 81 8.71 14.43 -11.34
CA GLY B 81 7.64 15.15 -10.67
C GLY B 81 7.15 14.53 -9.38
N THR B 82 7.75 13.42 -8.97
CA THR B 82 7.34 12.77 -7.73
C THR B 82 8.16 13.32 -6.56
N GLY B 83 7.63 13.17 -5.35
CA GLY B 83 8.33 13.66 -4.18
C GLY B 83 7.36 13.90 -3.05
N ILE B 84 7.90 14.19 -1.87
CA ILE B 84 7.06 14.42 -0.70
C ILE B 84 6.72 15.89 -0.46
N THR B 85 7.27 16.79 -1.25
CA THR B 85 6.99 18.22 -1.07
C THR B 85 5.69 18.63 -1.76
N LYS B 86 5.24 19.84 -1.41
CA LYS B 86 4.00 20.39 -1.96
C LYS B 86 4.08 20.60 -3.47
N ARG B 87 5.27 20.87 -3.99
CA ARG B 87 5.45 21.10 -5.42
C ARG B 87 5.50 19.80 -6.23
N ASP B 88 5.44 18.65 -5.56
CA ASP B 88 5.47 17.38 -6.25
C ASP B 88 4.02 16.91 -6.37
N VAL B 89 3.52 16.90 -7.61
CA VAL B 89 2.12 16.54 -7.83
C VAL B 89 1.86 15.44 -8.84
N THR B 90 2.90 14.77 -9.32
CA THR B 90 2.69 13.73 -10.32
C THR B 90 1.70 12.64 -9.90
N ILE B 91 1.89 12.06 -8.73
CA ILE B 91 0.99 10.99 -8.29
C ILE B 91 -0.46 11.45 -8.21
N GLU B 92 -0.72 12.60 -7.59
CA GLU B 92 -2.08 13.10 -7.48
C GLU B 92 -2.67 13.43 -8.85
N ALA B 93 -1.86 14.04 -9.71
CA ALA B 93 -2.32 14.40 -11.06
C ALA B 93 -2.73 13.18 -11.87
N VAL B 94 -1.91 12.15 -11.84
CA VAL B 94 -2.19 10.93 -12.59
C VAL B 94 -3.32 10.13 -11.96
N SER B 95 -3.29 10.02 -10.63
CA SER B 95 -4.32 9.27 -9.91
C SER B 95 -5.73 9.70 -10.29
N ALA B 96 -5.93 11.00 -10.46
CA ALA B 96 -7.23 11.55 -10.81
C ALA B 96 -7.79 11.03 -12.14
N LEU B 97 -6.90 10.60 -13.03
CA LEU B 97 -7.32 10.11 -14.35
C LEU B 97 -7.53 8.58 -14.46
N LEU B 98 -7.00 7.83 -13.51
CA LEU B 98 -7.10 6.37 -13.57
C LEU B 98 -8.48 5.78 -13.32
N ASP B 99 -8.84 4.77 -14.13
CA ASP B 99 -10.13 4.09 -13.97
C ASP B 99 -9.95 3.12 -12.80
N LYS B 100 -8.85 2.37 -12.85
CA LYS B 100 -8.53 1.41 -11.81
C LYS B 100 -7.05 1.52 -11.50
N GLU B 101 -6.73 1.72 -10.22
CA GLU B 101 -5.36 1.84 -9.79
C GLU B 101 -4.74 0.47 -9.54
N ILE B 102 -3.61 0.20 -10.18
CA ILE B 102 -2.91 -1.07 -9.98
C ILE B 102 -1.98 -0.78 -8.81
N VAL B 103 -2.53 -0.87 -7.60
CA VAL B 103 -1.77 -0.57 -6.39
C VAL B 103 -0.50 -1.36 -6.19
N GLY B 104 -0.46 -2.57 -6.74
CA GLY B 104 0.73 -3.39 -6.60
C GLY B 104 1.98 -2.77 -7.19
N PHE B 105 1.82 -1.86 -8.15
CA PHE B 105 2.99 -1.23 -8.78
C PHE B 105 3.76 -0.38 -7.78
N GLY B 106 3.08 0.59 -7.19
CA GLY B 106 3.74 1.45 -6.21
C GLY B 106 4.26 0.66 -5.03
N GLU B 107 3.45 -0.29 -4.55
CA GLU B 107 3.84 -1.12 -3.41
C GLU B 107 5.11 -1.92 -3.66
N LEU B 108 5.10 -2.71 -4.73
CA LEU B 108 6.25 -3.55 -5.06
C LEU B 108 7.46 -2.71 -5.45
N PHE B 109 7.23 -1.58 -6.09
CA PHE B 109 8.34 -0.71 -6.47
C PHE B 109 9.11 -0.32 -5.21
N ARG B 110 8.39 0.12 -4.18
CA ARG B 110 9.01 0.52 -2.92
C ARG B 110 9.66 -0.67 -2.20
N MSE B 111 8.99 -1.80 -2.19
CA MSE B 111 9.50 -3.00 -1.53
C MSE B 111 10.80 -3.49 -2.17
O MSE B 111 11.76 -3.79 -1.49
CB MSE B 111 8.44 -4.11 -1.57
CG MSE B 111 8.80 -5.37 -0.77
SE MSE B 111 9.67 -6.74 -1.82
CE MSE B 111 8.10 -7.53 -2.62
N ILE B 112 10.81 -3.55 -3.51
CA ILE B 112 12.00 -4.00 -4.21
C ILE B 112 13.13 -2.97 -4.07
N SER B 113 12.79 -1.68 -4.14
CA SER B 113 13.80 -0.63 -4.00
C SER B 113 14.45 -0.72 -2.62
N TYR B 114 13.63 -0.99 -1.61
CA TYR B 114 14.14 -1.11 -0.25
C TYR B 114 15.10 -2.28 -0.08
N LEU B 115 14.66 -3.45 -0.54
CA LEU B 115 15.45 -4.66 -0.41
C LEU B 115 16.67 -4.77 -1.33
N GLU B 116 16.55 -4.25 -2.53
CA GLU B 116 17.63 -4.39 -3.52
C GLU B 116 18.37 -3.14 -3.96
N ASP B 117 17.91 -1.97 -3.57
CA ASP B 117 18.60 -0.77 -4.04
C ASP B 117 18.88 0.31 -3.01
N ILE B 118 17.93 1.23 -2.84
CA ILE B 118 18.10 2.38 -1.94
C ILE B 118 17.72 2.23 -0.48
N GLY B 119 17.29 1.04 -0.07
CA GLY B 119 16.93 0.82 1.33
C GLY B 119 15.86 1.74 1.88
N SER B 120 16.06 2.22 3.11
CA SER B 120 15.09 3.08 3.77
C SER B 120 14.63 4.30 2.98
N SER B 121 15.45 4.74 2.02
CA SER B 121 15.06 5.89 1.22
C SER B 121 13.79 5.59 0.43
N ALA B 122 13.54 4.32 0.17
CA ALA B 122 12.37 3.88 -0.59
C ALA B 122 11.07 4.25 0.13
N MSE B 123 11.18 4.53 1.44
CA MSE B 123 9.99 4.91 2.19
C MSE B 123 9.37 6.18 1.63
O MSE B 123 8.16 6.35 1.66
CB MSE B 123 10.34 5.13 3.66
CG MSE B 123 9.19 5.72 4.45
SE MSE B 123 9.67 6.22 6.23
CE MSE B 123 10.64 7.84 5.86
N LEU B 124 10.21 7.06 1.10
CA LEU B 124 9.76 8.33 0.54
C LEU B 124 9.44 8.26 -0.95
N SER B 125 9.71 7.12 -1.58
CA SER B 125 9.46 6.98 -3.01
C SER B 125 7.99 6.94 -3.35
N ARG B 126 7.64 7.56 -4.47
CA ARG B 126 6.27 7.58 -4.94
C ARG B 126 6.18 7.14 -6.40
N ALA B 127 5.20 6.28 -6.67
CA ALA B 127 4.99 5.76 -8.01
C ALA B 127 3.56 5.27 -8.08
N ILE B 128 2.98 5.30 -9.28
CA ILE B 128 1.61 4.84 -9.42
C ILE B 128 1.36 4.33 -10.85
N GLY B 129 0.49 3.32 -10.94
CA GLY B 129 0.16 2.76 -12.23
C GLY B 129 -1.33 2.45 -12.24
N GLY B 130 -1.93 2.45 -13.42
CA GLY B 130 -3.35 2.17 -13.51
C GLY B 130 -3.84 2.15 -14.93
N THR B 131 -5.11 1.85 -15.10
CA THR B 131 -5.70 1.80 -16.42
C THR B 131 -6.55 3.03 -16.74
N ILE B 132 -6.69 3.28 -18.03
CA ILE B 132 -7.55 4.34 -18.54
C ILE B 132 -8.08 3.64 -19.79
N GLY B 133 -9.34 3.20 -19.73
CA GLY B 133 -9.89 2.50 -20.86
C GLY B 133 -9.11 1.21 -21.06
N ARG B 134 -8.78 0.89 -22.31
CA ARG B 134 -8.03 -0.32 -22.60
C ARG B 134 -6.53 -0.05 -22.66
N LYS B 135 -6.11 1.06 -22.07
CA LYS B 135 -4.70 1.41 -22.05
C LYS B 135 -4.21 1.48 -20.61
N VAL B 136 -2.89 1.56 -20.43
CA VAL B 136 -2.33 1.60 -19.09
C VAL B 136 -1.30 2.72 -18.95
N VAL B 137 -1.16 3.21 -17.72
CA VAL B 137 -0.23 4.29 -17.43
C VAL B 137 0.64 3.92 -16.23
N PHE B 138 1.94 4.17 -16.35
CA PHE B 138 2.90 3.91 -15.27
C PHE B 138 3.68 5.21 -15.05
N SER B 139 3.65 5.71 -13.82
CA SER B 139 4.37 6.93 -13.47
C SER B 139 5.42 6.60 -12.43
N MSE B 140 6.68 6.88 -12.75
CA MSE B 140 7.79 6.57 -11.85
C MSE B 140 8.60 7.81 -11.48
O MSE B 140 8.46 8.87 -12.10
CB MSE B 140 8.76 5.59 -12.54
CG MSE B 140 8.13 4.69 -13.58
SE MSE B 140 9.42 4.11 -14.91
CE MSE B 140 9.69 5.76 -15.85
N PRO B 141 9.47 7.69 -10.48
CA PRO B 141 10.29 8.84 -10.09
C PRO B 141 11.20 9.20 -11.26
N GLY B 142 11.81 10.39 -11.20
CA GLY B 142 12.66 10.86 -12.28
C GLY B 142 14.09 10.35 -12.40
N SER B 143 14.66 9.78 -11.34
CA SER B 143 16.04 9.30 -11.43
C SER B 143 16.15 8.09 -12.35
N SER B 144 17.27 7.97 -13.05
CA SER B 144 17.44 6.84 -13.97
C SER B 144 17.42 5.51 -13.23
N GLY B 145 17.89 5.51 -11.98
CA GLY B 145 17.90 4.28 -11.20
C GLY B 145 16.49 3.81 -10.87
N ALA B 146 15.60 4.76 -10.59
CA ALA B 146 14.20 4.43 -10.27
C ALA B 146 13.57 3.87 -11.54
N VAL B 147 13.82 4.54 -12.66
CA VAL B 147 13.29 4.11 -13.95
C VAL B 147 13.77 2.69 -14.29
N ARG B 148 15.06 2.45 -14.16
CA ARG B 148 15.63 1.15 -14.49
C ARG B 148 15.04 0.02 -13.64
N LEU B 149 14.88 0.27 -12.34
CA LEU B 149 14.33 -0.76 -11.45
C LEU B 149 12.86 -1.04 -11.78
N ALA B 150 12.05 0.01 -11.89
CA ALA B 150 10.63 -0.16 -12.19
C ALA B 150 10.43 -0.91 -13.51
N MSE B 151 11.18 -0.52 -14.53
CA MSE B 151 11.06 -1.15 -15.84
C MSE B 151 11.53 -2.61 -15.86
O MSE B 151 10.79 -3.49 -16.30
CB MSE B 151 11.86 -0.37 -16.89
CG MSE B 151 11.29 1.01 -17.20
SE MSE B 151 9.60 0.87 -18.13
CE MSE B 151 8.67 2.35 -17.35
N ASN B 152 12.73 -2.87 -15.36
CA ASN B 152 13.28 -4.23 -15.36
C ASN B 152 12.58 -5.22 -14.43
N LYS B 153 12.23 -4.77 -13.23
CA LYS B 153 11.60 -5.64 -12.25
C LYS B 153 10.09 -5.79 -12.35
N LEU B 154 9.41 -4.77 -12.85
CA LEU B 154 7.95 -4.84 -12.89
C LEU B 154 7.23 -4.61 -14.21
N ILE B 155 7.54 -3.50 -14.87
CA ILE B 155 6.87 -3.15 -16.12
C ILE B 155 7.20 -3.99 -17.35
N LEU B 156 8.49 -4.07 -17.70
CA LEU B 156 8.91 -4.86 -18.86
C LEU B 156 8.43 -6.30 -18.82
N PRO B 157 8.53 -6.96 -17.66
CA PRO B 157 8.07 -8.34 -17.56
C PRO B 157 6.56 -8.51 -17.80
N GLU B 158 5.80 -7.46 -17.52
CA GLU B 158 4.33 -7.53 -17.64
C GLU B 158 3.62 -6.75 -18.76
N LEU B 159 4.33 -5.88 -19.47
CA LEU B 159 3.70 -5.10 -20.53
C LEU B 159 2.84 -5.87 -21.52
N GLY B 160 3.39 -6.95 -22.06
CA GLY B 160 2.64 -7.76 -23.02
C GLY B 160 1.39 -8.36 -22.43
N HIS B 161 1.51 -8.88 -21.22
CA HIS B 161 0.39 -9.50 -20.51
C HIS B 161 -0.75 -8.51 -20.24
N ILE B 162 -0.37 -7.32 -19.76
CA ILE B 162 -1.35 -6.28 -19.44
C ILE B 162 -2.11 -5.83 -20.69
N THR B 163 -1.40 -5.44 -21.73
CA THR B 163 -2.06 -4.97 -22.95
C THR B 163 -2.97 -6.06 -23.52
N PHE B 164 -2.53 -7.30 -23.43
CA PHE B 164 -3.32 -8.41 -23.93
C PHE B 164 -4.65 -8.48 -23.17
N GLU B 165 -4.57 -8.48 -21.85
CA GLU B 165 -5.74 -8.55 -20.98
C GLU B 165 -6.71 -7.39 -21.22
N LEU B 166 -6.17 -6.20 -21.45
CA LEU B 166 -7.00 -5.04 -21.67
C LEU B 166 -7.67 -5.00 -23.04
N HIS B 167 -7.06 -5.65 -24.03
CA HIS B 167 -7.63 -5.66 -25.37
C HIS B 167 -8.58 -6.82 -25.65
N ARG B 168 -8.56 -7.83 -24.79
CA ARG B 168 -9.44 -8.99 -24.97
C ARG B 168 -10.85 -8.68 -24.48
N GLN C 9 29.91 19.69 6.85
CA GLN C 9 28.94 20.22 7.82
C GLN C 9 28.95 19.40 9.10
N ALA C 10 27.77 19.01 9.57
CA ALA C 10 27.66 18.22 10.79
C ALA C 10 26.28 17.57 10.90
N PRO C 11 26.16 16.48 11.67
CA PRO C 11 24.89 15.77 11.84
C PRO C 11 23.82 16.70 12.39
N LYS C 12 22.86 17.07 11.54
CA LYS C 12 21.80 17.99 11.97
C LYS C 12 20.99 17.40 13.12
N GLU C 13 20.66 18.25 14.09
CA GLU C 13 19.89 17.84 15.25
C GLU C 13 18.41 18.14 15.04
N VAL C 14 17.62 17.09 14.82
CA VAL C 14 16.20 17.25 14.60
C VAL C 14 15.47 17.33 15.94
N ARG C 15 14.54 18.28 16.04
CA ARG C 15 13.76 18.49 17.25
C ARG C 15 12.42 17.77 17.11
N CYS C 16 12.14 16.85 18.02
CA CYS C 16 10.91 16.07 17.96
C CYS C 16 10.00 16.15 19.18
N LYS C 17 8.71 15.97 18.93
CA LYS C 17 7.73 15.94 20.00
C LYS C 17 7.34 14.47 20.12
N ILE C 18 7.28 13.96 21.34
CA ILE C 18 6.89 12.58 21.56
C ILE C 18 5.48 12.55 22.13
N VAL C 19 4.60 11.82 21.45
CA VAL C 19 3.21 11.70 21.90
C VAL C 19 2.90 10.24 22.18
N THR C 20 2.56 9.95 23.44
CA THR C 20 2.19 8.59 23.81
C THR C 20 0.68 8.62 23.99
N ILE C 21 -0.02 7.86 23.16
CA ILE C 21 -1.46 7.77 23.19
C ILE C 21 -1.86 6.63 24.12
N SER C 22 -2.43 6.98 25.27
CA SER C 22 -2.83 5.98 26.26
C SER C 22 -3.73 6.54 27.36
N ASP C 23 -4.65 5.71 27.86
CA ASP C 23 -5.54 6.13 28.93
C ASP C 23 -5.04 5.62 30.28
N THR C 24 -3.89 4.96 30.28
CA THR C 24 -3.37 4.40 31.53
C THR C 24 -1.92 4.78 31.85
N ARG C 25 -1.07 4.82 30.82
CA ARG C 25 0.34 5.14 31.03
C ARG C 25 0.56 6.46 31.75
N THR C 26 1.69 6.54 32.44
CA THR C 26 2.11 7.73 33.16
C THR C 26 3.58 7.91 32.78
N GLU C 27 4.12 9.11 32.99
CA GLU C 27 5.52 9.37 32.65
C GLU C 27 6.45 8.31 33.22
N GLU C 28 6.09 7.73 34.36
CA GLU C 28 6.93 6.72 35.00
C GLU C 28 6.80 5.33 34.37
N THR C 29 5.63 5.02 33.83
CA THR C 29 5.42 3.71 33.23
C THR C 29 5.44 3.71 31.69
N ASP C 30 5.64 4.89 31.10
CA ASP C 30 5.67 5.01 29.64
C ASP C 30 6.95 4.43 29.05
N LYS C 31 7.00 3.10 28.99
CA LYS C 31 8.16 2.38 28.46
C LYS C 31 8.49 2.78 27.01
N SER C 32 7.47 2.91 26.18
CA SER C 32 7.67 3.26 24.77
C SER C 32 8.12 4.70 24.58
N GLY C 33 7.55 5.62 25.35
CA GLY C 33 7.93 7.01 25.24
C GLY C 33 9.38 7.17 25.64
N GLN C 34 9.78 6.43 26.67
CA GLN C 34 11.16 6.48 27.16
C GLN C 34 12.12 5.95 26.10
N LEU C 35 11.73 4.87 25.43
CA LEU C 35 12.54 4.27 24.37
C LEU C 35 12.74 5.26 23.23
N LEU C 36 11.66 5.93 22.83
CA LEU C 36 11.74 6.91 21.75
C LEU C 36 12.76 7.98 22.10
N HIS C 37 12.70 8.47 23.33
CA HIS C 37 13.62 9.50 23.80
C HIS C 37 15.06 8.98 23.70
N GLU C 38 15.29 7.77 24.19
CA GLU C 38 16.62 7.18 24.17
C GLU C 38 17.17 7.04 22.75
N LEU C 39 16.37 6.46 21.86
CA LEU C 39 16.80 6.27 20.48
C LEU C 39 17.16 7.61 19.82
N LEU C 40 16.31 8.62 20.03
CA LEU C 40 16.55 9.94 19.46
C LEU C 40 17.83 10.59 20.00
N LYS C 41 18.02 10.53 21.31
CA LYS C 41 19.22 11.11 21.92
C LYS C 41 20.50 10.45 21.42
N GLU C 42 20.52 9.13 21.38
CA GLU C 42 21.70 8.41 20.90
C GLU C 42 21.98 8.69 19.43
N ALA C 43 20.92 9.06 18.70
CA ALA C 43 21.04 9.37 17.28
C ALA C 43 21.43 10.82 17.05
N GLY C 44 21.55 11.58 18.13
CA GLY C 44 21.94 12.97 18.00
C GLY C 44 20.79 13.96 17.82
N HIS C 45 19.57 13.52 18.10
CA HIS C 45 18.42 14.39 17.95
C HIS C 45 17.98 14.92 19.32
N LYS C 46 16.91 15.71 19.35
CA LYS C 46 16.44 16.28 20.60
C LYS C 46 14.92 16.27 20.77
N VAL C 47 14.47 16.03 21.99
CA VAL C 47 13.04 16.02 22.29
C VAL C 47 12.70 17.36 22.94
N THR C 48 11.89 18.15 22.26
CA THR C 48 11.52 19.48 22.77
C THR C 48 10.10 19.55 23.29
N SER C 49 9.37 18.44 23.19
CA SER C 49 8.00 18.38 23.68
C SER C 49 7.59 16.93 23.90
N TYR C 50 6.79 16.70 24.93
CA TYR C 50 6.36 15.35 25.27
C TYR C 50 5.10 15.37 26.11
N GLU C 51 4.16 14.48 25.79
CA GLU C 51 2.93 14.39 26.55
C GLU C 51 2.21 13.09 26.29
N ILE C 52 1.54 12.60 27.33
CA ILE C 52 0.76 11.39 27.22
C ILE C 52 -0.66 11.91 27.03
N VAL C 53 -1.28 11.54 25.92
CA VAL C 53 -2.62 12.03 25.64
C VAL C 53 -3.66 10.92 25.72
N LYS C 54 -4.89 11.30 26.09
CA LYS C 54 -5.97 10.34 26.19
C LYS C 54 -6.22 9.71 24.83
N ASP C 55 -6.69 8.48 24.83
CA ASP C 55 -6.93 7.76 23.60
C ASP C 55 -8.29 8.00 22.95
N ASP C 56 -8.40 9.10 22.24
CA ASP C 56 -9.62 9.46 21.50
C ASP C 56 -9.18 10.36 20.36
N LYS C 57 -9.92 10.33 19.26
CA LYS C 57 -9.59 11.12 18.07
C LYS C 57 -9.24 12.59 18.32
N GLU C 58 -10.14 13.31 18.99
CA GLU C 58 -9.94 14.73 19.25
C GLU C 58 -8.68 15.06 20.05
N SER C 59 -8.38 14.24 21.05
CA SER C 59 -7.19 14.48 21.88
C SER C 59 -5.93 14.23 21.06
N ILE C 60 -5.95 13.19 20.23
CA ILE C 60 -4.82 12.84 19.39
C ILE C 60 -4.53 13.94 18.36
N GLN C 61 -5.57 14.40 17.67
CA GLN C 61 -5.38 15.46 16.67
C GLN C 61 -4.87 16.72 17.33
N GLN C 62 -5.40 17.06 18.49
CA GLN C 62 -4.99 18.25 19.21
C GLN C 62 -3.51 18.19 19.59
N ALA C 63 -3.07 17.02 20.05
CA ALA C 63 -1.68 16.83 20.44
C ALA C 63 -0.75 16.95 19.23
N VAL C 64 -1.21 16.46 18.09
CA VAL C 64 -0.40 16.54 16.88
C VAL C 64 -0.30 17.99 16.40
N LEU C 65 -1.42 18.69 16.38
CA LEU C 65 -1.43 20.09 15.95
C LEU C 65 -0.66 20.98 16.91
N ALA C 66 -0.69 20.65 18.20
CA ALA C 66 0.05 21.44 19.18
C ALA C 66 1.53 21.34 18.83
N GLY C 67 1.96 20.15 18.43
CA GLY C 67 3.35 19.95 18.05
C GLY C 67 3.69 20.78 16.82
N TYR C 68 2.79 20.76 15.83
CA TYR C 68 3.00 21.50 14.59
C TYR C 68 3.18 22.99 14.87
N HIS C 69 2.35 23.53 15.76
CA HIS C 69 2.41 24.94 16.09
C HIS C 69 3.58 25.32 17.00
N LYS C 70 4.24 24.34 17.58
CA LYS C 70 5.37 24.64 18.46
C LYS C 70 6.60 24.97 17.63
N GLU C 71 7.08 26.20 17.79
CA GLU C 71 8.23 26.72 17.08
C GLU C 71 9.48 25.83 17.08
N ASP C 72 9.76 25.15 18.20
CA ASP C 72 10.94 24.31 18.26
C ASP C 72 10.67 22.81 18.09
N VAL C 73 9.69 22.50 17.25
CA VAL C 73 9.33 21.11 16.94
C VAL C 73 9.37 20.95 15.43
N ASP C 74 10.16 19.98 14.94
CA ASP C 74 10.27 19.74 13.52
C ASP C 74 9.49 18.50 13.11
N VAL C 75 9.41 17.54 14.01
CA VAL C 75 8.73 16.28 13.76
C VAL C 75 7.91 15.83 14.96
N VAL C 76 6.77 15.20 14.70
CA VAL C 76 5.92 14.68 15.75
C VAL C 76 5.87 13.16 15.63
N LEU C 77 6.17 12.48 16.73
CA LEU C 77 6.16 11.01 16.75
C LEU C 77 5.15 10.53 17.77
N THR C 78 4.20 9.70 17.33
CA THR C 78 3.19 9.17 18.25
C THR C 78 3.30 7.66 18.30
N ASN C 79 2.93 7.09 19.44
CA ASN C 79 2.95 5.64 19.60
C ASN C 79 1.73 5.26 20.44
N GLY C 80 1.07 4.18 20.03
CA GLY C 80 -0.11 3.72 20.75
C GLY C 80 -1.44 4.05 20.09
N GLY C 81 -2.50 3.42 20.59
CA GLY C 81 -3.83 3.66 20.06
C GLY C 81 -4.16 3.01 18.73
N THR C 82 -3.25 2.19 18.21
CA THR C 82 -3.49 1.52 16.93
C THR C 82 -4.13 0.15 17.13
N GLY C 83 -4.81 -0.34 16.11
CA GLY C 83 -5.46 -1.64 16.22
C GLY C 83 -6.53 -1.81 15.15
N ILE C 84 -7.10 -3.00 15.05
CA ILE C 84 -8.12 -3.27 14.05
C ILE C 84 -9.58 -3.12 14.52
N THR C 85 -9.79 -2.79 15.79
CA THR C 85 -11.16 -2.64 16.30
C THR C 85 -11.69 -1.23 16.13
N LYS C 86 -12.97 -1.03 16.41
CA LYS C 86 -13.58 0.28 16.27
C LYS C 86 -13.07 1.32 17.27
N ARG C 87 -12.51 0.87 18.38
CA ARG C 87 -11.99 1.79 19.40
C ARG C 87 -10.55 2.21 19.14
N ASP C 88 -9.96 1.70 18.07
CA ASP C 88 -8.59 2.05 17.70
C ASP C 88 -8.72 3.10 16.60
N VAL C 89 -8.39 4.34 16.91
CA VAL C 89 -8.56 5.42 15.95
C VAL C 89 -7.34 6.28 15.60
N THR C 90 -6.15 5.87 16.04
CA THR C 90 -4.97 6.67 15.77
C THR C 90 -4.74 6.97 14.28
N ILE C 91 -4.66 5.93 13.46
CA ILE C 91 -4.42 6.12 12.04
C ILE C 91 -5.44 7.03 11.36
N GLU C 92 -6.72 6.79 11.59
CA GLU C 92 -7.73 7.64 10.97
C GLU C 92 -7.67 9.07 11.52
N ALA C 93 -7.42 9.19 12.82
CA ALA C 93 -7.33 10.51 13.45
C ALA C 93 -6.20 11.33 12.83
N VAL C 94 -5.03 10.73 12.73
CA VAL C 94 -3.86 11.41 12.17
C VAL C 94 -4.01 11.64 10.67
N SER C 95 -4.51 10.64 9.95
CA SER C 95 -4.68 10.75 8.50
C SER C 95 -5.48 11.97 8.05
N ALA C 96 -6.51 12.33 8.82
CA ALA C 96 -7.33 13.47 8.47
C ALA C 96 -6.58 14.80 8.49
N LEU C 97 -5.46 14.85 9.21
CA LEU C 97 -4.66 16.08 9.32
C LEU C 97 -3.52 16.21 8.31
N LEU C 98 -3.10 15.10 7.72
CA LEU C 98 -1.98 15.10 6.77
C LEU C 98 -2.24 15.78 5.44
N ASP C 99 -1.25 16.54 4.97
CA ASP C 99 -1.34 17.20 3.66
C ASP C 99 -1.03 16.14 2.63
N LYS C 100 0.09 15.45 2.84
CA LYS C 100 0.50 14.39 1.94
C LYS C 100 0.92 13.18 2.77
N GLU C 101 0.37 12.03 2.43
CA GLU C 101 0.68 10.80 3.15
C GLU C 101 1.91 10.13 2.56
N ILE C 102 2.88 9.79 3.40
CA ILE C 102 4.07 9.10 2.94
C ILE C 102 3.72 7.62 3.06
N VAL C 103 3.03 7.11 2.04
CA VAL C 103 2.56 5.73 2.04
C VAL C 103 3.61 4.67 2.31
N GLY C 104 4.85 4.95 1.91
CA GLY C 104 5.92 3.98 2.12
C GLY C 104 6.22 3.65 3.57
N PHE C 105 5.85 4.53 4.51
CA PHE C 105 6.13 4.25 5.91
C PHE C 105 5.32 3.06 6.41
N GLY C 106 4.01 3.14 6.32
CA GLY C 106 3.15 2.06 6.76
C GLY C 106 3.44 0.75 6.03
N GLU C 107 3.60 0.84 4.71
CA GLU C 107 3.88 -0.32 3.88
C GLU C 107 5.17 -1.04 4.26
N LEU C 108 6.28 -0.31 4.28
CA LEU C 108 7.56 -0.92 4.61
C LEU C 108 7.59 -1.37 6.07
N PHE C 109 6.91 -0.63 6.95
CA PHE C 109 6.89 -1.01 8.36
C PHE C 109 6.33 -2.43 8.47
N ARG C 110 5.20 -2.67 7.80
CA ARG C 110 4.57 -3.98 7.83
C ARG C 110 5.42 -5.04 7.13
N MSE C 111 6.02 -4.71 5.99
CA MSE C 111 6.83 -5.67 5.27
C MSE C 111 8.04 -6.11 6.09
O MSE C 111 8.32 -7.30 6.18
CB MSE C 111 7.32 -5.08 3.95
CG MSE C 111 8.12 -6.07 3.12
SE MSE C 111 9.76 -5.31 2.44
CE MSE C 111 10.91 -5.69 3.93
N ILE C 112 8.74 -5.16 6.69
CA ILE C 112 9.92 -5.47 7.50
C ILE C 112 9.51 -6.23 8.75
N SER C 113 8.39 -5.83 9.36
CA SER C 113 7.89 -6.50 10.56
C SER C 113 7.61 -7.96 10.22
N TYR C 114 7.05 -8.21 9.05
CA TYR C 114 6.74 -9.56 8.62
C TYR C 114 7.99 -10.41 8.43
N LEU C 115 8.96 -9.87 7.70
CA LEU C 115 10.20 -10.58 7.41
C LEU C 115 11.18 -10.77 8.56
N GLU C 116 11.26 -9.78 9.44
CA GLU C 116 12.21 -9.83 10.55
C GLU C 116 11.70 -10.01 11.97
N ASP C 117 10.45 -9.68 12.24
CA ASP C 117 9.96 -9.78 13.61
C ASP C 117 8.77 -10.67 13.94
N ILE C 118 7.59 -10.26 13.48
CA ILE C 118 6.36 -10.97 13.83
C ILE C 118 5.64 -11.78 12.76
N GLY C 119 6.26 -11.95 11.60
CA GLY C 119 5.60 -12.71 10.55
C GLY C 119 4.19 -12.25 10.25
N SER C 120 3.28 -13.22 10.11
CA SER C 120 1.88 -12.96 9.78
C SER C 120 1.16 -11.90 10.63
N SER C 121 1.56 -11.72 11.88
CA SER C 121 0.91 -10.73 12.74
C SER C 121 1.05 -9.32 12.14
N ALA C 122 2.10 -9.11 11.36
CA ALA C 122 2.34 -7.81 10.74
C ALA C 122 1.16 -7.40 9.85
N MSE C 123 0.38 -8.37 9.40
CA MSE C 123 -0.77 -8.07 8.55
C MSE C 123 -1.77 -7.15 9.27
O MSE C 123 -2.48 -6.37 8.63
CB MSE C 123 -1.48 -9.37 8.16
CG MSE C 123 -2.91 -9.14 7.72
SE MSE C 123 -3.80 -10.73 7.14
CE MSE C 123 -4.19 -11.55 8.87
N LEU C 124 -1.80 -7.23 10.60
CA LEU C 124 -2.72 -6.44 11.40
C LEU C 124 -2.14 -5.12 11.88
N SER C 125 -0.82 -4.97 11.76
CA SER C 125 -0.16 -3.76 12.22
C SER C 125 -0.60 -2.51 11.48
N ARG C 126 -0.75 -1.41 12.22
CA ARG C 126 -1.16 -0.15 11.63
C ARG C 126 -0.18 0.96 11.97
N ALA C 127 0.15 1.76 10.96
CA ALA C 127 1.10 2.85 11.13
C ALA C 127 0.92 3.81 9.98
N ILE C 128 1.20 5.09 10.20
CA ILE C 128 1.06 6.06 9.13
C ILE C 128 2.04 7.21 9.31
N GLY C 129 2.49 7.74 8.19
CA GLY C 129 3.43 8.86 8.22
C GLY C 129 3.00 9.87 7.18
N GLY C 130 3.26 11.15 7.43
CA GLY C 130 2.88 12.16 6.47
C GLY C 130 3.34 13.56 6.83
N THR C 131 3.05 14.51 5.95
CA THR C 131 3.44 15.88 6.17
C THR C 131 2.27 16.79 6.54
N ILE C 132 2.60 17.84 7.29
CA ILE C 132 1.65 18.87 7.68
C ILE C 132 2.54 20.09 7.48
N GLY C 133 2.29 20.86 6.43
CA GLY C 133 3.13 22.01 6.16
C GLY C 133 4.56 21.54 5.90
N ARG C 134 5.53 22.23 6.49
CA ARG C 134 6.93 21.86 6.33
C ARG C 134 7.39 20.93 7.45
N LYS C 135 6.45 20.27 8.10
CA LYS C 135 6.78 19.35 9.19
C LYS C 135 6.28 17.95 8.88
N VAL C 136 6.78 16.96 9.63
CA VAL C 136 6.38 15.58 9.39
C VAL C 136 5.88 14.88 10.65
N VAL C 137 4.98 13.92 10.44
CA VAL C 137 4.41 13.15 11.53
C VAL C 137 4.51 11.66 11.23
N PHE C 138 4.87 10.89 12.26
CA PHE C 138 4.96 9.44 12.16
C PHE C 138 4.19 8.85 13.34
N SER C 139 3.21 8.01 13.05
CA SER C 139 2.42 7.36 14.09
C SER C 139 2.68 5.86 13.98
N MSE C 140 3.07 5.25 15.09
CA MSE C 140 3.39 3.83 15.12
C MSE C 140 2.71 3.11 16.29
O MSE C 140 2.19 3.74 17.20
CB MSE C 140 4.91 3.67 15.24
CG MSE C 140 5.50 4.29 16.52
SE MSE C 140 7.40 4.77 16.38
CE MSE C 140 7.18 6.61 15.79
N PRO C 141 2.70 1.77 16.24
CA PRO C 141 2.07 1.00 17.33
C PRO C 141 2.78 1.33 18.65
N GLY C 142 2.12 1.03 19.76
CA GLY C 142 2.68 1.35 21.06
C GLY C 142 3.66 0.37 21.68
N SER C 143 3.82 -0.82 21.12
CA SER C 143 4.76 -1.78 21.69
C SER C 143 6.20 -1.32 21.48
N SER C 144 7.09 -1.72 22.39
CA SER C 144 8.49 -1.32 22.29
C SER C 144 9.12 -1.93 21.03
N GLY C 145 8.69 -3.14 20.68
CA GLY C 145 9.22 -3.81 19.52
C GLY C 145 8.85 -3.08 18.24
N ALA C 146 7.62 -2.56 18.19
CA ALA C 146 7.14 -1.82 17.02
C ALA C 146 7.94 -0.53 16.89
N VAL C 147 8.04 0.19 18.00
CA VAL C 147 8.79 1.45 18.05
C VAL C 147 10.24 1.26 17.62
N ARG C 148 10.88 0.24 18.18
CA ARG C 148 12.28 -0.03 17.87
C ARG C 148 12.48 -0.25 16.36
N LEU C 149 11.63 -1.07 15.76
CA LEU C 149 11.73 -1.38 14.33
C LEU C 149 11.48 -0.15 13.47
N ALA C 150 10.38 0.53 13.73
CA ALA C 150 10.01 1.73 12.96
C ALA C 150 11.13 2.77 13.00
N MSE C 151 11.68 3.00 14.18
CA MSE C 151 12.74 3.99 14.36
C MSE C 151 14.07 3.58 13.74
O MSE C 151 14.64 4.35 12.96
CB MSE C 151 12.95 4.27 15.85
CG MSE C 151 11.77 4.98 16.52
SE MSE C 151 11.53 6.78 15.87
CE MSE C 151 12.95 7.64 16.87
N ASN C 152 14.56 2.40 14.05
CA ASN C 152 15.84 1.94 13.54
C ASN C 152 15.88 1.66 12.03
N LYS C 153 14.83 1.03 11.52
CA LYS C 153 14.77 0.66 10.11
C LYS C 153 14.31 1.74 9.14
N LEU C 154 13.46 2.65 9.59
CA LEU C 154 12.91 3.65 8.68
C LEU C 154 13.06 5.12 9.05
N ILE C 155 12.58 5.52 10.23
CA ILE C 155 12.63 6.92 10.65
C ILE C 155 14.02 7.51 10.91
N LEU C 156 14.76 6.93 11.84
CA LEU C 156 16.10 7.45 12.16
C LEU C 156 17.00 7.59 10.93
N PRO C 157 17.00 6.60 10.02
CA PRO C 157 17.85 6.71 8.84
C PRO C 157 17.47 7.88 7.93
N GLU C 158 16.20 8.28 7.96
CA GLU C 158 15.70 9.35 7.09
C GLU C 158 15.32 10.71 7.68
N LEU C 159 15.29 10.83 9.01
CA LEU C 159 14.90 12.10 9.63
C LEU C 159 15.59 13.33 9.08
N GLY C 160 16.91 13.31 9.04
CA GLY C 160 17.67 14.45 8.54
C GLY C 160 17.31 14.82 7.12
N HIS C 161 17.27 13.82 6.24
CA HIS C 161 16.94 14.06 4.84
C HIS C 161 15.53 14.63 4.67
N ILE C 162 14.55 14.04 5.35
CA ILE C 162 13.17 14.51 5.26
C ILE C 162 13.02 15.98 5.66
N THR C 163 13.46 16.32 6.87
CA THR C 163 13.35 17.69 7.34
C THR C 163 14.08 18.65 6.40
N PHE C 164 15.20 18.20 5.84
CA PHE C 164 15.97 19.02 4.92
C PHE C 164 15.14 19.32 3.68
N GLU C 165 14.56 18.25 3.12
CA GLU C 165 13.74 18.37 1.92
C GLU C 165 12.55 19.30 2.14
N LEU C 166 11.94 19.20 3.32
CA LEU C 166 10.77 20.03 3.64
C LEU C 166 11.12 21.47 4.00
N HIS C 167 12.32 21.68 4.55
CA HIS C 167 12.74 23.03 4.93
C HIS C 167 13.04 23.87 3.70
N ARG C 168 13.56 23.22 2.65
CA ARG C 168 13.86 23.93 1.41
C ARG C 168 12.58 24.00 0.59
N GLN C 169 12.02 22.84 0.29
CA GLN C 169 10.79 22.71 -0.48
C GLN C 169 10.57 23.91 -1.41
C1 MPD D . 21.24 4.60 -10.15
C2 MPD D . 21.78 3.94 -8.90
O2 MPD D . 20.89 4.32 -7.87
CM MPD D . 21.82 2.46 -9.01
C3 MPD D . 23.20 4.41 -8.48
C4 MPD D . 23.37 5.90 -8.21
O4 MPD D . 22.52 6.30 -7.16
C5 MPD D . 24.81 6.22 -7.80
N1 IMD E . 5.76 -5.02 15.98
C2 IMD E . 6.40 -4.84 14.82
N3 IMD E . 7.63 -5.31 14.98
C4 IMD E . 7.75 -5.79 16.24
C5 IMD E . 6.55 -5.60 16.87
#